data_3MWN
#
_entry.id   3MWN
#
_cell.length_a   57.357
_cell.length_b   83.789
_cell.length_c   62.484
_cell.angle_alpha   90.00
_cell.angle_beta   90.17
_cell.angle_gamma   90.00
#
_symmetry.space_group_name_H-M   'P 1 21 1'
#
loop_
_entity.id
_entity.type
_entity.pdbx_description
1 polymer PHYCOERYTHRIN
2 non-polymer PHYCOCYANOBILIN
3 water water
#
_entity_poly.entity_id   1
_entity_poly.type   'polypeptide(L)'
_entity_poly.pdbx_seq_one_letter_code
;QRAAARLEAAEKLGSNHEAVVKEAGDACFSKYGYNKNPGEAGENQEKINKCYRDIDHYMRLINYTLVVGGTGPLDEWGIA
GAREVYRTLNLPSAAYIAAFVFTRDRLCAPRDMSAQAGVEFCTALDYLINSLS
;
_entity_poly.pdbx_strand_id   A,B
#
# COMPACT_ATOMS: atom_id res chain seq x y z
N GLN A 1 1.38 26.15 -25.98
CA GLN A 1 -0.03 25.91 -25.98
C GLN A 1 -0.48 25.28 -24.65
N ARG A 2 0.41 24.49 -24.04
CA ARG A 2 0.12 23.84 -22.75
C ARG A 2 1.30 24.00 -21.77
N ALA A 3 2.47 23.73 -22.30
CA ALA A 3 3.74 23.71 -21.55
C ALA A 3 3.80 24.74 -20.44
N ALA A 4 3.61 26.03 -20.82
CA ALA A 4 3.71 27.17 -19.92
C ALA A 4 3.13 26.87 -18.53
N ALA A 5 2.02 26.12 -18.50
CA ALA A 5 1.38 25.77 -17.24
C ALA A 5 2.32 24.97 -16.35
N ARG A 6 2.73 23.80 -16.86
CA ARG A 6 3.65 22.95 -16.08
C ARG A 6 5.03 23.61 -15.97
N LEU A 7 5.51 24.15 -17.07
CA LEU A 7 6.83 24.78 -17.07
C LEU A 7 7.04 25.69 -15.87
N GLU A 8 6.38 26.84 -15.85
CA GLU A 8 6.51 27.84 -14.78
C GLU A 8 6.64 27.22 -13.39
N ALA A 9 5.84 26.20 -13.12
CA ALA A 9 5.79 25.56 -11.81
C ALA A 9 7.15 24.92 -11.45
N ALA A 10 7.64 24.07 -12.36
CA ALA A 10 8.88 23.36 -12.23
C ALA A 10 10.06 24.30 -11.99
N GLU A 11 10.13 25.35 -12.80
CA GLU A 11 11.15 26.39 -12.63
C GLU A 11 11.03 27.00 -11.23
N LYS A 12 9.80 27.36 -10.86
CA LYS A 12 9.50 27.98 -9.57
C LYS A 12 10.03 27.07 -8.44
N LEU A 13 9.74 25.80 -8.56
CA LEU A 13 10.21 24.79 -7.61
C LEU A 13 11.72 24.67 -7.75
N GLY A 14 12.17 24.76 -9.01
CA GLY A 14 13.57 24.64 -9.34
C GLY A 14 14.44 25.61 -8.58
N SER A 15 14.04 26.89 -8.57
CA SER A 15 14.84 27.92 -7.93
C SER A 15 14.56 28.00 -6.43
N ASN A 16 13.54 27.30 -5.92
CA ASN A 16 13.16 27.37 -4.49
C ASN A 16 12.65 26.00 -3.99
N HIS A 17 13.56 25.06 -3.68
CA HIS A 17 13.12 23.74 -3.22
C HIS A 17 13.67 23.42 -1.82
N GLU A 18 14.93 23.77 -1.60
CA GLU A 18 15.56 23.60 -0.29
C GLU A 18 14.76 24.27 0.81
N ALA A 19 14.04 25.33 0.44
CA ALA A 19 13.17 26.06 1.35
C ALA A 19 11.78 25.42 1.45
N VAL A 20 11.41 24.62 0.44
CA VAL A 20 10.12 23.93 0.42
C VAL A 20 10.27 22.48 0.90
N VAL A 21 11.44 21.93 0.65
CA VAL A 21 11.79 20.57 1.08
C VAL A 21 12.06 20.56 2.58
N LYS A 22 12.89 21.51 3.01
CA LYS A 22 13.17 21.62 4.43
C LYS A 22 11.86 21.95 5.13
N GLU A 23 11.13 22.93 4.58
CA GLU A 23 9.85 23.31 5.15
C GLU A 23 9.03 22.06 5.47
N ALA A 24 8.91 21.20 4.46
CA ALA A 24 8.14 19.97 4.62
C ALA A 24 8.73 19.09 5.72
N GLY A 25 10.08 19.03 5.72
CA GLY A 25 10.78 18.24 6.72
C GLY A 25 10.24 18.49 8.13
N ASP A 26 10.55 19.66 8.68
CA ASP A 26 10.11 20.05 10.01
C ASP A 26 8.64 19.68 10.27
N ALA A 27 7.78 19.91 9.29
CA ALA A 27 6.36 19.62 9.42
C ALA A 27 6.12 18.11 9.48
N CYS A 28 6.96 17.37 8.75
CA CYS A 28 6.90 15.92 8.71
C CYS A 28 7.15 15.31 10.09
N PHE A 29 8.09 15.91 10.80
CA PHE A 29 8.44 15.45 12.13
C PHE A 29 7.62 16.18 13.19
N SER A 30 6.62 16.93 12.72
CA SER A 30 5.71 17.64 13.63
C SER A 30 4.52 16.73 13.90
N LYS A 31 4.00 16.12 12.83
CA LYS A 31 2.87 15.20 12.95
C LYS A 31 3.30 13.90 13.63
N TYR A 32 4.58 13.57 13.47
CA TYR A 32 5.20 12.40 14.05
C TYR A 32 6.46 12.75 14.83
N GLY A 33 6.27 13.45 15.98
CA GLY A 33 7.42 13.81 16.79
C GLY A 33 7.98 12.64 17.57
N TYR A 34 7.46 11.44 17.27
CA TYR A 34 7.88 10.20 17.93
C TYR A 34 9.01 9.50 17.15
N ASN A 35 9.26 9.95 15.91
CA ASN A 35 10.35 9.45 15.09
C ASN A 35 11.71 9.84 15.68
N LYS A 36 11.73 10.98 16.38
CA LYS A 36 12.93 11.49 17.04
C LYS A 36 13.38 10.52 18.13
N ASN A 37 12.37 9.97 18.83
CA ASN A 37 12.63 9.02 19.92
C ASN A 37 13.80 8.11 19.57
N PRO A 38 14.54 7.70 20.59
CA PRO A 38 15.67 6.79 20.40
C PRO A 38 15.22 5.47 19.79
N GLY A 39 15.95 5.02 18.77
CA GLY A 39 15.58 3.79 18.06
C GLY A 39 14.42 4.06 17.14
N GLU A 40 14.36 5.26 16.55
CA GLU A 40 13.26 5.55 15.65
C GLU A 40 13.79 6.23 14.37
N ALA A 41 12.93 6.28 13.35
CA ALA A 41 13.17 6.80 12.02
C ALA A 41 14.24 7.89 11.91
N GLY A 42 14.17 8.92 12.75
CA GLY A 42 15.17 9.99 12.69
C GLY A 42 15.72 10.30 14.06
N GLU A 43 15.76 9.29 14.90
CA GLU A 43 16.29 9.31 16.25
C GLU A 43 17.55 10.18 16.39
N ASN A 44 18.48 9.95 15.44
CA ASN A 44 19.77 10.60 15.47
C ASN A 44 20.13 11.32 14.16
N GLN A 45 20.81 12.46 14.30
CA GLN A 45 21.23 13.25 13.17
C GLN A 45 22.22 12.47 12.27
N GLU A 46 21.69 11.59 11.43
CA GLU A 46 22.43 10.79 10.48
C GLU A 46 21.43 9.89 9.76
N LYS A 47 20.34 9.67 10.48
CA LYS A 47 19.17 8.95 9.98
C LYS A 47 18.00 9.97 9.77
N ILE A 48 18.14 11.20 10.39
CA ILE A 48 17.19 12.34 10.29
C ILE A 48 17.82 13.35 9.39
N ASN A 49 19.11 13.19 9.29
CA ASN A 49 19.86 14.10 8.43
C ASN A 49 19.77 13.70 6.95
N LYS A 50 19.76 12.38 6.73
CA LYS A 50 19.58 11.80 5.40
C LYS A 50 18.10 11.76 4.97
N CYS A 51 17.17 11.57 5.88
CA CYS A 51 15.69 11.54 5.63
C CYS A 51 15.27 12.80 4.94
N TYR A 52 16.09 13.82 5.07
CA TYR A 52 15.75 15.05 4.40
C TYR A 52 16.05 14.91 2.91
N ARG A 53 17.06 14.10 2.59
CA ARG A 53 17.45 13.81 1.21
C ARG A 53 16.30 13.20 0.48
N ASP A 54 15.52 12.36 1.19
CA ASP A 54 14.37 11.71 0.58
C ASP A 54 13.31 12.73 0.19
N ILE A 55 13.28 13.89 0.90
CA ILE A 55 12.28 14.91 0.54
C ILE A 55 12.73 15.65 -0.70
N ASP A 56 13.99 16.08 -0.77
CA ASP A 56 14.52 16.72 -1.96
C ASP A 56 14.46 15.78 -3.17
N HIS A 57 14.45 14.48 -2.87
CA HIS A 57 14.45 13.48 -3.94
C HIS A 57 13.08 13.39 -4.62
N TYR A 58 12.03 13.35 -3.81
CA TYR A 58 10.68 13.29 -4.34
C TYR A 58 10.34 14.56 -5.11
N MET A 59 10.85 15.68 -4.61
CA MET A 59 10.64 16.97 -5.26
C MET A 59 11.59 17.16 -6.42
N ARG A 60 12.72 16.44 -6.35
CA ARG A 60 13.74 16.44 -7.40
C ARG A 60 13.16 15.91 -8.71
N LEU A 61 12.44 14.79 -8.59
CA LEU A 61 11.84 14.11 -9.73
C LEU A 61 10.54 14.84 -10.19
N ILE A 62 10.10 15.83 -9.43
CA ILE A 62 8.87 16.56 -9.82
C ILE A 62 9.23 17.67 -10.84
N ASN A 63 10.40 18.29 -10.68
CA ASN A 63 10.87 19.29 -11.63
C ASN A 63 11.01 18.62 -13.00
N TYR A 64 11.48 17.40 -12.97
CA TYR A 64 11.74 16.58 -14.15
C TYR A 64 10.44 16.06 -14.79
N THR A 65 9.41 15.93 -13.96
CA THR A 65 8.10 15.45 -14.37
C THR A 65 7.34 16.48 -15.19
N LEU A 66 7.19 17.67 -14.62
CA LEU A 66 6.56 18.83 -15.24
C LEU A 66 7.43 19.44 -16.33
N VAL A 67 8.53 18.77 -16.69
CA VAL A 67 9.27 19.25 -17.80
C VAL A 67 9.14 18.34 -18.96
N VAL A 68 9.32 17.04 -18.75
CA VAL A 68 9.08 16.09 -19.83
C VAL A 68 7.61 16.01 -20.07
N GLY A 69 6.78 16.56 -19.17
CA GLY A 69 5.35 16.56 -19.32
C GLY A 69 4.61 15.76 -18.27
N GLY A 70 4.76 14.44 -18.28
CA GLY A 70 4.03 13.59 -17.35
C GLY A 70 4.88 13.09 -16.21
N THR A 71 4.32 12.17 -15.41
CA THR A 71 4.99 11.60 -14.26
C THR A 71 5.93 10.45 -14.66
N GLY A 72 6.74 10.70 -15.69
CA GLY A 72 7.66 9.71 -16.21
C GLY A 72 8.90 9.49 -15.36
N PRO A 73 9.64 10.58 -15.07
CA PRO A 73 10.84 10.49 -14.22
C PRO A 73 10.51 10.05 -12.80
N LEU A 74 9.50 10.68 -12.23
CA LEU A 74 9.05 10.40 -10.87
C LEU A 74 8.82 8.90 -10.68
N ASP A 75 8.22 8.30 -11.68
CA ASP A 75 7.85 6.89 -11.64
C ASP A 75 9.04 5.98 -11.23
N GLU A 76 9.56 5.22 -12.19
CA GLU A 76 10.64 4.26 -11.99
C GLU A 76 11.66 4.71 -10.94
N TRP A 77 12.01 5.99 -10.99
CA TRP A 77 13.03 6.51 -10.06
C TRP A 77 12.43 6.94 -8.74
N GLY A 78 11.17 6.56 -8.48
CA GLY A 78 10.55 6.89 -7.21
C GLY A 78 9.03 6.78 -7.24
N ILE A 79 8.55 5.52 -7.27
CA ILE A 79 7.11 5.27 -7.28
C ILE A 79 6.75 3.87 -6.75
N ALA A 80 7.59 2.98 -7.02
CA ALA A 80 7.41 1.60 -6.58
C ALA A 80 8.76 0.92 -6.38
N GLY A 81 8.87 0.09 -5.36
CA GLY A 81 10.14 -0.58 -5.03
C GLY A 81 10.93 0.27 -4.04
N ALA A 82 10.59 1.55 -3.99
CA ALA A 82 11.15 2.51 -3.03
C ALA A 82 10.40 2.40 -1.70
N ARG A 83 9.08 2.20 -1.82
CA ARG A 83 8.00 2.01 -0.81
C ARG A 83 8.13 0.66 -0.06
N GLU A 84 8.26 -0.48 -0.75
CA GLU A 84 8.34 -1.65 0.09
C GLU A 84 9.86 -2.02 0.38
N VAL A 85 10.89 -1.17 -0.07
CA VAL A 85 12.21 -1.21 0.57
C VAL A 85 12.26 -0.38 1.86
N TYR A 86 11.28 0.51 2.03
CA TYR A 86 11.07 1.19 3.30
C TYR A 86 10.57 0.18 4.34
N ARG A 87 9.75 -0.76 3.88
CA ARG A 87 9.14 -1.79 4.72
C ARG A 87 10.25 -2.59 5.25
N THR A 88 11.27 -2.71 4.39
CA THR A 88 12.44 -3.43 4.86
C THR A 88 13.21 -2.67 5.93
N LEU A 89 13.26 -1.35 5.80
CA LEU A 89 13.99 -0.55 6.77
C LEU A 89 13.10 -0.10 7.94
N ASN A 90 11.79 -0.28 7.76
CA ASN A 90 10.86 0.14 8.81
C ASN A 90 10.73 1.67 8.82
N LEU A 91 10.62 2.22 7.61
CA LEU A 91 10.38 3.64 7.41
C LEU A 91 8.92 3.85 7.03
N PRO A 92 8.12 4.31 7.99
CA PRO A 92 6.67 4.39 7.82
C PRO A 92 6.24 5.16 6.57
N SER A 93 5.12 4.70 5.99
CA SER A 93 4.53 5.28 4.79
C SER A 93 3.80 6.59 5.11
N ALA A 94 3.13 6.62 6.26
CA ALA A 94 2.40 7.81 6.69
C ALA A 94 3.34 8.97 6.98
N ALA A 95 4.61 8.65 7.31
CA ALA A 95 5.62 9.68 7.54
C ALA A 95 5.94 10.41 6.25
N TYR A 96 6.11 9.65 5.17
CA TYR A 96 6.41 10.16 3.84
C TYR A 96 5.27 11.02 3.30
N ILE A 97 4.04 10.65 3.69
CA ILE A 97 2.86 11.39 3.22
C ILE A 97 2.65 12.65 4.03
N ALA A 98 3.39 12.79 5.14
CA ALA A 98 3.27 13.96 6.01
C ALA A 98 3.96 15.19 5.42
N ALA A 99 4.92 14.94 4.54
CA ALA A 99 5.63 16.04 3.92
C ALA A 99 4.83 16.63 2.74
N PHE A 100 4.13 15.74 2.04
CA PHE A 100 3.34 16.09 0.86
C PHE A 100 2.17 17.03 1.08
N VAL A 101 1.21 16.62 1.91
CA VAL A 101 0.02 17.45 2.14
C VAL A 101 0.38 18.85 2.58
N PHE A 102 1.46 18.96 3.37
CA PHE A 102 1.95 20.27 3.80
C PHE A 102 2.48 21.05 2.59
N THR A 103 3.26 20.37 1.76
CA THR A 103 3.78 20.98 0.54
C THR A 103 2.62 21.44 -0.35
N ARG A 104 1.60 20.59 -0.49
CA ARG A 104 0.42 20.87 -1.33
C ARG A 104 -0.49 21.91 -0.73
N ASP A 105 -0.48 22.05 0.60
CA ASP A 105 -1.34 23.00 1.37
C ASP A 105 -0.81 24.44 1.32
N ARG A 106 0.53 24.60 1.24
CA ARG A 106 1.20 25.88 1.38
C ARG A 106 1.08 26.77 0.14
N LEU A 107 0.89 26.15 -1.03
CA LEU A 107 0.89 26.89 -2.28
C LEU A 107 0.00 28.14 -2.24
N CYS A 108 0.15 28.95 -3.26
CA CYS A 108 -0.60 30.16 -3.48
C CYS A 108 -0.27 30.60 -4.94
N ALA A 109 -1.24 31.11 -5.71
CA ALA A 109 -1.10 31.55 -7.09
C ALA A 109 -0.55 32.97 -7.20
N PRO A 110 -1.24 34.01 -6.68
CA PRO A 110 -0.67 35.35 -6.84
C PRO A 110 0.65 35.51 -6.07
N ARG A 111 0.79 34.78 -4.98
CA ARG A 111 2.01 34.99 -4.24
C ARG A 111 3.17 34.05 -4.62
N ASP A 112 2.93 32.75 -4.72
CA ASP A 112 4.06 31.83 -5.02
C ASP A 112 4.27 31.52 -6.50
N MET A 113 3.21 31.14 -7.25
CA MET A 113 3.38 30.85 -8.71
C MET A 113 2.23 31.42 -9.54
N SER A 114 1.34 30.54 -10.02
CA SER A 114 0.10 30.80 -10.71
C SER A 114 -1.09 29.90 -10.40
N ALA A 115 -2.25 30.30 -11.03
CA ALA A 115 -3.49 29.55 -10.78
C ALA A 115 -3.43 28.19 -11.44
N GLN A 116 -3.18 28.18 -12.75
CA GLN A 116 -3.14 26.90 -13.47
C GLN A 116 -1.86 26.12 -13.17
N ALA A 117 -0.78 26.81 -12.86
CA ALA A 117 0.52 26.23 -12.56
C ALA A 117 0.51 25.42 -11.29
N GLY A 118 -0.28 25.89 -10.32
CA GLY A 118 -0.40 25.29 -9.00
C GLY A 118 -1.18 23.99 -9.01
N VAL A 119 -2.38 24.01 -9.62
CA VAL A 119 -3.21 22.80 -9.61
C VAL A 119 -2.46 21.60 -10.18
N GLU A 120 -1.37 21.86 -10.91
CA GLU A 120 -0.55 20.77 -11.42
C GLU A 120 0.67 20.56 -10.55
N PHE A 121 1.01 21.57 -9.77
CA PHE A 121 2.08 21.42 -8.78
C PHE A 121 1.58 20.50 -7.66
N CYS A 122 0.25 20.53 -7.46
CA CYS A 122 -0.44 19.68 -6.49
C CYS A 122 -0.85 18.35 -7.11
N THR A 123 -0.84 18.28 -8.48
CA THR A 123 -1.16 17.03 -9.19
C THR A 123 -0.01 16.05 -9.09
N ALA A 124 1.23 16.48 -9.00
CA ALA A 124 2.23 15.45 -8.87
C ALA A 124 2.57 15.17 -7.41
N LEU A 125 2.13 16.03 -6.48
CA LEU A 125 2.34 15.76 -5.05
C LEU A 125 1.25 14.79 -4.62
N ASP A 126 0.04 14.95 -5.18
CA ASP A 126 -1.06 14.05 -4.86
C ASP A 126 -0.88 12.70 -5.57
N TYR A 127 -0.29 12.78 -6.76
CA TYR A 127 0.06 11.58 -7.53
C TYR A 127 1.02 10.72 -6.70
N LEU A 128 1.76 11.36 -5.81
CA LEU A 128 2.71 10.67 -4.92
C LEU A 128 2.02 10.25 -3.61
N ILE A 129 1.14 11.10 -3.10
CA ILE A 129 0.39 10.81 -1.88
C ILE A 129 -0.43 9.54 -2.04
N ASN A 130 -1.02 9.38 -3.23
CA ASN A 130 -1.82 8.23 -3.57
C ASN A 130 -0.95 6.98 -3.77
N SER A 131 0.24 7.18 -4.35
CA SER A 131 1.14 6.06 -4.62
C SER A 131 1.69 5.44 -3.34
N LEU A 132 1.90 6.26 -2.32
CA LEU A 132 2.46 5.80 -1.05
C LEU A 132 1.48 4.98 -0.22
N SER A 133 0.19 5.30 -0.33
CA SER A 133 -0.85 4.57 0.40
C SER A 133 -1.04 3.17 -0.17
N GLN B 1 -0.51 -19.66 25.87
CA GLN B 1 -0.84 -21.00 25.38
C GLN B 1 -0.65 -21.07 23.87
N ARG B 2 -1.59 -21.69 23.16
CA ARG B 2 -1.32 -21.70 21.70
C ARG B 2 -1.21 -20.27 21.16
N ALA B 3 -1.40 -19.33 22.06
CA ALA B 3 -1.32 -17.88 21.77
C ALA B 3 0.04 -17.49 21.22
N ALA B 4 1.05 -18.35 21.41
CA ALA B 4 2.41 -18.08 20.92
C ALA B 4 2.63 -18.62 19.50
N ALA B 5 2.03 -19.80 19.22
CA ALA B 5 2.17 -20.47 17.93
C ALA B 5 1.38 -19.74 16.86
N ARG B 6 0.35 -19.03 17.28
CA ARG B 6 -0.48 -18.26 16.35
C ARG B 6 0.09 -16.87 16.09
N LEU B 7 1.01 -16.45 16.96
CA LEU B 7 1.73 -15.15 16.80
C LEU B 7 2.93 -15.38 15.90
N GLU B 8 3.18 -16.64 15.52
CA GLU B 8 4.28 -17.00 14.65
C GLU B 8 3.82 -17.13 13.22
N ALA B 9 2.55 -17.56 13.09
CA ALA B 9 1.91 -17.69 11.80
C ALA B 9 1.47 -16.32 11.29
N ALA B 10 0.99 -15.51 12.23
CA ALA B 10 0.55 -14.15 11.93
C ALA B 10 1.71 -13.28 11.46
N GLU B 11 2.78 -13.05 12.24
CA GLU B 11 3.96 -12.38 11.69
C GLU B 11 4.32 -12.88 10.29
N LYS B 12 4.06 -14.15 9.99
CA LYS B 12 4.41 -14.73 8.69
C LYS B 12 3.51 -14.20 7.57
N LEU B 13 2.23 -14.00 7.89
CA LEU B 13 1.27 -13.45 6.94
C LEU B 13 1.32 -11.92 6.90
N GLY B 14 1.69 -11.31 8.02
CA GLY B 14 1.81 -9.85 8.13
C GLY B 14 2.98 -9.27 7.36
N SER B 15 3.98 -10.11 7.08
CA SER B 15 5.17 -9.70 6.34
C SER B 15 5.17 -10.24 4.90
N ASN B 16 4.10 -10.92 4.49
CA ASN B 16 4.00 -11.54 3.15
C ASN B 16 2.66 -11.23 2.48
N HIS B 17 1.83 -10.34 3.10
CA HIS B 17 0.44 -10.06 2.64
C HIS B 17 0.27 -9.83 1.13
N GLU B 18 1.13 -9.02 0.52
CA GLU B 18 1.09 -8.79 -0.94
C GLU B 18 1.61 -9.99 -1.73
N ALA B 19 2.57 -10.71 -1.17
CA ALA B 19 3.23 -11.82 -1.85
C ALA B 19 2.38 -13.09 -1.91
N VAL B 20 1.76 -13.45 -0.79
CA VAL B 20 1.00 -14.71 -0.68
C VAL B 20 -0.42 -14.63 -1.24
N VAL B 21 -0.73 -13.34 -1.34
CA VAL B 21 -2.09 -12.98 -1.74
C VAL B 21 -2.27 -12.92 -3.25
N LYS B 22 -1.18 -12.56 -3.97
CA LYS B 22 -1.24 -12.52 -5.44
C LYS B 22 -1.07 -13.91 -6.01
N GLU B 23 -0.35 -14.75 -5.27
CA GLU B 23 -0.20 -16.14 -5.69
C GLU B 23 -1.59 -16.78 -5.67
N ALA B 24 -2.28 -16.56 -4.59
CA ALA B 24 -3.65 -17.04 -4.40
C ALA B 24 -4.52 -16.63 -5.58
N GLY B 25 -4.37 -15.39 -6.02
CA GLY B 25 -5.09 -14.84 -7.16
C GLY B 25 -4.80 -15.58 -8.45
N ASP B 26 -3.53 -15.74 -8.78
CA ASP B 26 -3.14 -16.47 -9.99
C ASP B 26 -3.65 -17.90 -9.98
N ALA B 27 -3.62 -18.55 -8.81
CA ALA B 27 -4.07 -19.92 -8.69
C ALA B 27 -5.59 -20.04 -8.77
N CYS B 28 -6.29 -18.99 -8.33
CA CYS B 28 -7.76 -19.02 -8.42
C CYS B 28 -8.20 -18.71 -9.84
N PHE B 29 -7.29 -18.12 -10.61
CA PHE B 29 -7.51 -17.79 -12.01
C PHE B 29 -7.10 -18.92 -12.93
N SER B 30 -6.23 -19.81 -12.44
CA SER B 30 -5.72 -20.93 -13.24
C SER B 30 -6.83 -21.93 -13.56
N LYS B 31 -7.85 -21.99 -12.73
CA LYS B 31 -8.98 -22.88 -12.97
C LYS B 31 -10.12 -22.13 -13.65
N TYR B 32 -10.25 -20.84 -13.30
CA TYR B 32 -11.33 -20.03 -13.88
C TYR B 32 -10.75 -18.84 -14.63
N GLY B 33 -10.05 -19.13 -15.75
CA GLY B 33 -9.42 -18.11 -16.56
C GLY B 33 -10.37 -17.47 -17.55
N TYR B 34 -11.65 -17.86 -17.45
CA TYR B 34 -12.69 -17.31 -18.33
C TYR B 34 -13.24 -15.99 -17.79
N ASN B 35 -12.69 -15.56 -16.65
CA ASN B 35 -13.13 -14.35 -15.95
C ASN B 35 -12.51 -13.07 -16.53
N LYS B 36 -11.61 -13.22 -17.49
CA LYS B 36 -11.01 -12.07 -18.16
C LYS B 36 -11.86 -11.69 -19.40
N ASN B 37 -13.03 -12.29 -19.48
CA ASN B 37 -13.97 -12.06 -20.57
C ASN B 37 -15.06 -11.06 -20.17
N PRO B 38 -15.61 -10.39 -21.23
CA PRO B 38 -16.61 -9.30 -21.07
C PRO B 38 -17.70 -9.54 -20.04
N GLY B 39 -18.12 -8.41 -19.39
CA GLY B 39 -19.21 -8.44 -18.41
C GLY B 39 -18.93 -9.39 -17.25
N GLU B 40 -17.66 -9.77 -16.95
CA GLU B 40 -17.48 -10.63 -15.74
C GLU B 40 -16.61 -9.87 -14.74
N ALA B 41 -15.99 -10.60 -13.78
CA ALA B 41 -15.28 -10.05 -12.63
C ALA B 41 -13.82 -9.76 -12.89
N GLY B 42 -13.23 -10.44 -13.88
CA GLY B 42 -11.82 -10.19 -14.19
C GLY B 42 -11.66 -9.56 -15.57
N GLU B 43 -12.51 -8.54 -15.86
CA GLU B 43 -12.57 -7.79 -17.12
C GLU B 43 -11.56 -6.60 -17.22
N ASN B 44 -11.93 -5.35 -16.79
CA ASN B 44 -10.99 -4.24 -16.88
C ASN B 44 -10.01 -4.23 -15.69
N GLN B 45 -8.87 -3.60 -15.97
CA GLN B 45 -7.76 -3.52 -15.03
C GLN B 45 -8.21 -3.16 -13.62
N GLU B 46 -9.34 -2.43 -13.50
CA GLU B 46 -9.86 -2.06 -12.20
C GLU B 46 -10.33 -3.33 -11.48
N LYS B 47 -11.29 -4.02 -12.13
CA LYS B 47 -11.89 -5.29 -11.63
C LYS B 47 -10.83 -6.28 -11.17
N ILE B 48 -9.76 -6.42 -11.96
CA ILE B 48 -8.71 -7.37 -11.61
C ILE B 48 -8.02 -6.98 -10.31
N ASN B 49 -8.10 -5.66 -9.99
CA ASN B 49 -7.48 -5.12 -8.79
C ASN B 49 -8.37 -5.36 -7.55
N LYS B 50 -9.63 -5.10 -7.71
CA LYS B 50 -10.62 -5.25 -6.64
C LYS B 50 -10.69 -6.74 -6.23
N CYS B 51 -10.34 -7.66 -7.14
CA CYS B 51 -10.38 -9.12 -6.86
C CYS B 51 -9.24 -9.49 -5.92
N TYR B 52 -8.06 -8.99 -6.20
CA TYR B 52 -6.90 -9.30 -5.32
C TYR B 52 -7.06 -8.52 -3.99
N ARG B 53 -7.71 -7.36 -4.10
CA ARG B 53 -8.00 -6.53 -2.94
C ARG B 53 -8.80 -7.35 -1.92
N ASP B 54 -9.86 -7.99 -2.45
CA ASP B 54 -10.73 -8.88 -1.71
C ASP B 54 -9.91 -10.06 -1.14
N ILE B 55 -8.84 -10.40 -1.87
CA ILE B 55 -7.93 -11.47 -1.44
C ILE B 55 -6.93 -10.81 -0.48
N ASP B 56 -6.92 -9.46 -0.48
CA ASP B 56 -5.97 -8.84 0.46
C ASP B 56 -6.68 -8.56 1.80
N HIS B 57 -7.97 -8.20 1.87
CA HIS B 57 -8.68 -8.04 3.14
C HIS B 57 -8.91 -9.37 3.84
N TYR B 58 -9.34 -10.36 3.06
CA TYR B 58 -9.66 -11.70 3.53
C TYR B 58 -8.44 -12.35 4.18
N MET B 59 -7.29 -12.12 3.57
CA MET B 59 -6.07 -12.75 4.07
C MET B 59 -5.41 -11.89 5.18
N ARG B 60 -5.69 -10.57 5.29
CA ARG B 60 -5.17 -9.74 6.37
C ARG B 60 -6.00 -9.92 7.65
N LEU B 61 -7.24 -10.36 7.49
CA LEU B 61 -8.14 -10.55 8.63
C LEU B 61 -7.89 -11.88 9.36
N ILE B 62 -6.87 -12.57 8.91
CA ILE B 62 -6.40 -13.88 9.44
C ILE B 62 -5.21 -13.73 10.44
N ASN B 63 -4.30 -12.85 10.03
CA ASN B 63 -3.19 -12.58 10.95
C ASN B 63 -3.77 -11.73 12.07
N TYR B 64 -4.97 -11.15 11.81
CA TYR B 64 -5.66 -10.34 12.80
C TYR B 64 -6.22 -11.27 13.87
N THR B 65 -6.78 -12.35 13.44
CA THR B 65 -7.41 -13.26 14.35
C THR B 65 -6.37 -14.09 15.07
N LEU B 66 -5.15 -14.11 14.52
CA LEU B 66 -4.04 -14.86 15.12
C LEU B 66 -3.31 -14.01 16.26
N VAL B 67 -3.85 -12.83 16.52
CA VAL B 67 -3.34 -11.92 17.62
C VAL B 67 -4.45 -11.47 18.60
N VAL B 68 -5.69 -11.91 18.39
CA VAL B 68 -6.82 -11.48 19.24
C VAL B 68 -7.58 -12.70 19.84
N GLY B 69 -7.28 -13.90 19.27
CA GLY B 69 -7.89 -15.12 19.76
C GLY B 69 -9.06 -15.58 18.90
N GLY B 70 -10.27 -15.13 19.24
CA GLY B 70 -11.46 -15.52 18.52
C GLY B 70 -11.57 -14.94 17.13
N THR B 71 -11.98 -15.79 16.18
CA THR B 71 -12.12 -15.34 14.77
C THR B 71 -13.37 -14.48 14.56
N GLY B 72 -13.71 -13.69 15.58
CA GLY B 72 -14.88 -12.82 15.57
C GLY B 72 -14.83 -11.86 14.39
N PRO B 73 -13.66 -11.25 14.22
CA PRO B 73 -13.53 -10.28 13.13
C PRO B 73 -14.23 -10.65 11.89
N LEU B 74 -13.90 -11.86 11.49
CA LEU B 74 -14.41 -12.46 10.28
C LEU B 74 -15.90 -12.33 10.06
N ASP B 75 -16.68 -13.00 10.91
CA ASP B 75 -18.14 -13.03 10.75
C ASP B 75 -18.82 -11.75 11.26
N GLU B 76 -18.00 -10.75 11.60
CA GLU B 76 -18.50 -9.50 12.20
C GLU B 76 -18.23 -8.29 11.32
N TRP B 77 -16.97 -8.17 10.91
CA TRP B 77 -16.55 -7.03 10.09
C TRP B 77 -17.10 -7.08 8.66
N GLY B 78 -17.49 -8.26 8.19
CA GLY B 78 -18.03 -8.36 6.84
C GLY B 78 -18.19 -9.81 6.36
N ILE B 79 -18.95 -10.61 7.11
CA ILE B 79 -19.20 -11.99 6.68
C ILE B 79 -20.64 -12.39 7.01
N ALA B 80 -21.25 -11.64 7.95
CA ALA B 80 -22.63 -11.90 8.31
C ALA B 80 -23.53 -11.06 7.39
N GLY B 81 -23.16 -11.07 6.10
CA GLY B 81 -23.85 -10.31 5.06
C GLY B 81 -22.93 -10.09 3.83
N ALA B 82 -21.77 -10.80 3.84
CA ALA B 82 -20.76 -10.72 2.78
C ALA B 82 -21.20 -11.41 1.51
N ARG B 83 -21.98 -12.53 1.66
CA ARG B 83 -22.47 -13.23 0.50
C ARG B 83 -23.64 -12.48 -0.12
N GLU B 84 -24.17 -11.50 0.61
CA GLU B 84 -25.23 -10.63 0.10
C GLU B 84 -24.64 -9.74 -1.01
N VAL B 85 -23.60 -8.99 -0.63
CA VAL B 85 -22.92 -8.06 -1.51
C VAL B 85 -22.14 -8.79 -2.60
N TYR B 86 -21.79 -10.05 -2.32
CA TYR B 86 -21.08 -10.87 -3.30
C TYR B 86 -22.03 -11.41 -4.37
N ARG B 87 -23.23 -11.74 -3.91
CA ARG B 87 -24.32 -12.37 -4.72
C ARG B 87 -25.07 -11.29 -5.58
N THR B 88 -24.83 -10.01 -5.26
CA THR B 88 -25.48 -8.85 -5.86
C THR B 88 -24.69 -8.38 -7.09
N LEU B 89 -23.36 -8.31 -6.94
CA LEU B 89 -22.45 -7.92 -8.01
C LEU B 89 -22.08 -9.11 -8.89
N ASN B 90 -22.42 -10.30 -8.42
CA ASN B 90 -22.15 -11.57 -9.07
C ASN B 90 -20.65 -11.90 -9.16
N LEU B 91 -20.06 -12.13 -7.98
CA LEU B 91 -18.67 -12.51 -7.83
C LEU B 91 -18.61 -13.99 -7.42
N PRO B 92 -18.19 -14.82 -8.37
CA PRO B 92 -18.15 -16.29 -8.14
C PRO B 92 -17.42 -16.71 -6.83
N SER B 93 -18.05 -17.46 -5.90
CA SER B 93 -17.39 -17.88 -4.64
C SER B 93 -16.21 -18.80 -4.94
N ALA B 94 -16.28 -19.52 -6.06
CA ALA B 94 -15.17 -20.36 -6.48
C ALA B 94 -13.90 -19.51 -6.61
N ALA B 95 -14.10 -18.22 -6.94
CA ALA B 95 -12.99 -17.28 -7.06
C ALA B 95 -12.47 -16.87 -5.67
N TYR B 96 -13.36 -17.02 -4.66
CA TYR B 96 -12.99 -16.74 -3.29
C TYR B 96 -12.59 -18.03 -2.61
N ILE B 97 -12.91 -19.09 -3.28
CA ILE B 97 -12.62 -20.41 -2.83
C ILE B 97 -11.20 -20.85 -3.23
N ALA B 98 -11.00 -21.07 -4.53
CA ALA B 98 -9.75 -21.54 -5.10
C ALA B 98 -8.49 -20.88 -4.53
N ALA B 99 -8.59 -19.65 -4.02
CA ALA B 99 -7.42 -19.01 -3.45
C ALA B 99 -7.00 -19.71 -2.15
N PHE B 100 -7.70 -19.40 -1.06
CA PHE B 100 -7.40 -20.00 0.24
C PHE B 100 -7.40 -21.52 0.17
N VAL B 101 -8.08 -22.10 -0.82
CA VAL B 101 -8.04 -23.55 -0.99
C VAL B 101 -6.62 -23.95 -1.38
N PHE B 102 -6.07 -23.16 -2.31
CA PHE B 102 -4.70 -23.32 -2.80
C PHE B 102 -3.69 -22.83 -1.81
N THR B 103 -4.22 -22.04 -0.89
CA THR B 103 -3.35 -21.37 0.03
C THR B 103 -3.09 -22.28 1.24
N ARG B 104 -4.16 -22.80 1.81
CA ARG B 104 -4.02 -23.67 2.98
C ARG B 104 -3.07 -24.83 2.67
N ASP B 105 -3.16 -25.35 1.46
CA ASP B 105 -2.29 -26.44 1.02
C ASP B 105 -1.13 -25.85 0.20
N ARG B 106 -0.37 -24.96 0.85
CA ARG B 106 0.78 -24.32 0.22
C ARG B 106 1.93 -24.17 1.22
N LEU B 107 1.63 -24.46 2.48
CA LEU B 107 2.58 -24.28 3.60
C LEU B 107 3.43 -25.51 3.89
N CYS B 108 4.69 -25.27 4.25
CA CYS B 108 5.61 -26.32 4.65
C CYS B 108 5.90 -26.10 6.17
N ALA B 109 5.73 -27.10 7.04
CA ALA B 109 5.98 -26.96 8.48
C ALA B 109 7.37 -26.38 8.77
N PRO B 110 8.43 -27.08 8.39
CA PRO B 110 9.78 -26.57 8.50
C PRO B 110 10.02 -25.15 8.06
N ARG B 111 10.03 -25.07 6.75
CA ARG B 111 10.25 -23.89 5.95
C ARG B 111 9.46 -22.65 6.35
N ASP B 112 8.16 -22.71 6.13
CA ASP B 112 7.31 -21.54 6.37
C ASP B 112 7.29 -21.07 7.82
N MET B 113 6.92 -22.00 8.73
CA MET B 113 6.81 -21.68 10.17
C MET B 113 7.17 -22.91 11.03
N SER B 114 6.14 -23.47 11.65
CA SER B 114 6.15 -24.68 12.49
C SER B 114 4.82 -25.47 12.29
N ALA B 115 4.57 -26.51 13.11
CA ALA B 115 3.36 -27.32 13.02
C ALA B 115 2.24 -26.62 13.85
N GLN B 116 2.66 -26.02 14.96
CA GLN B 116 1.77 -25.26 15.83
C GLN B 116 1.21 -24.07 15.05
N ALA B 117 2.10 -23.32 14.39
CA ALA B 117 1.64 -22.21 13.56
C ALA B 117 1.07 -22.73 12.24
N GLY B 118 1.68 -23.85 11.76
CA GLY B 118 1.29 -24.49 10.54
C GLY B 118 -0.17 -24.90 10.55
N VAL B 119 -0.61 -25.60 11.59
CA VAL B 119 -2.02 -26.02 11.67
C VAL B 119 -2.92 -24.84 12.01
N GLU B 120 -2.33 -23.78 12.59
CA GLU B 120 -3.06 -22.58 12.95
C GLU B 120 -3.43 -21.80 11.69
N PHE B 121 -2.54 -21.86 10.71
CA PHE B 121 -2.71 -21.21 9.42
C PHE B 121 -3.82 -21.89 8.61
N CYS B 122 -3.62 -23.17 8.30
CA CYS B 122 -4.57 -23.91 7.49
C CYS B 122 -6.00 -23.80 8.01
N THR B 123 -6.21 -24.37 9.21
CA THR B 123 -7.52 -24.41 9.85
C THR B 123 -8.18 -23.04 9.88
N ALA B 124 -7.41 -21.99 10.21
CA ALA B 124 -7.88 -20.60 10.24
C ALA B 124 -8.29 -20.16 8.83
N LEU B 125 -7.60 -20.77 7.83
CA LEU B 125 -7.85 -20.57 6.43
C LEU B 125 -9.02 -21.49 6.04
N ASP B 126 -9.26 -22.45 6.92
CA ASP B 126 -10.36 -23.46 6.78
C ASP B 126 -11.64 -22.79 7.27
N TYR B 127 -11.48 -21.75 8.12
CA TYR B 127 -12.61 -20.98 8.66
C TYR B 127 -13.39 -20.41 7.46
N LEU B 128 -12.67 -19.69 6.60
CA LEU B 128 -13.25 -19.14 5.40
C LEU B 128 -13.65 -20.26 4.45
N ILE B 129 -13.01 -21.41 4.60
CA ILE B 129 -13.27 -22.61 3.81
C ILE B 129 -14.38 -23.44 4.46
N ASN B 130 -14.88 -22.92 5.61
CA ASN B 130 -15.95 -23.61 6.34
C ASN B 130 -17.06 -24.00 5.40
N SER B 131 -17.23 -23.18 4.34
CA SER B 131 -18.25 -23.45 3.33
C SER B 131 -17.59 -23.74 1.98
N LEU B 132 -16.32 -23.30 1.82
CA LEU B 132 -15.53 -23.46 0.61
C LEU B 132 -14.58 -24.63 0.73
N SER B 133 -14.49 -25.39 -0.34
CA SER B 133 -13.86 -26.67 -0.31
C SER B 133 -13.32 -26.97 -1.69
#